data_7B35
#
_entry.id   7B35
#
_cell.length_a   55.875
_cell.length_b   93.210
_cell.length_c   61.303
_cell.angle_alpha   90.000
_cell.angle_beta   92.191
_cell.angle_gamma   90.000
#
_symmetry.space_group_name_H-M   'P 1 21 1'
#
loop_
_entity.id
_entity.type
_entity.pdbx_description
1 polymer 'Serine/threonine-protein kinase 24'
2 non-polymer 8-[(5-azanyl-1,3-dioxan-2-yl)methyl]-6-[2-chloranyl-4-(3-methoxy-6-methyl-pyridin-2-yl)phenyl]-2-(methylamino)pyrido[2,3-d]pyrimidin-7-one
3 water water
#
_entity_poly.entity_id   1
_entity_poly.type   'polypeptide(L)'
_entity_poly.pdbx_seq_one_letter_code
;MRAQLWGLALNKRRATLPHPGGSTNLKADPEELFTKLEKIGKGSFGEVFKGIDNRTQKVVAIKIIDLEEAEDEIEDIQQE
ITVLSQCDSPYVTKYYGSYLKDTKLWIIMEYLGGGSALDLLEPGPLDETQIATILREILKGLDYLHSEKKIHRDIKAANV
LLSEHGEVKLADFGVAGQLTDTQIKRNTFVGTPFWMAPEVIKQSAYDSKADIWSLGITAIELARGEPPHSELHPMKVLFL
IPKNNPPTLEGNYSKPLKEFVEACLNKEPSFRPTAKELLKHKFILRNAKKTSYLTELIDAHHHHHH
;
_entity_poly.pdbx_strand_id   A,B
#
loop_
_chem_comp.id
_chem_comp.type
_chem_comp.name
_chem_comp.formula
SQB non-polymer 8-[(5-azanyl-1,3-dioxan-2-yl)methyl]-6-[2-chloranyl-4-(3-methoxy-6-methyl-pyridin-2-yl)phenyl]-2-(methylamino)pyrido[2,3-d]pyrimidin-7-one 'C26 H27 Cl N6 O4'
#
# COMPACT_ATOMS: atom_id res chain seq x y z
N THR A 24 -13.56 -30.80 23.82
CA THR A 24 -14.77 -30.49 23.08
C THR A 24 -16.01 -30.69 23.95
N ASN A 25 -16.64 -29.58 24.34
CA ASN A 25 -17.81 -29.64 25.21
C ASN A 25 -19.06 -29.91 24.39
N LEU A 26 -19.87 -30.86 24.84
CA LEU A 26 -21.09 -31.23 24.16
C LEU A 26 -22.35 -31.05 25.01
N LYS A 27 -22.20 -30.66 26.27
CA LYS A 27 -23.33 -30.54 27.19
C LYS A 27 -23.83 -29.10 27.34
N ALA A 28 -22.92 -28.13 27.41
CA ALA A 28 -23.32 -26.74 27.52
C ALA A 28 -23.68 -26.19 26.15
N ASP A 29 -24.86 -25.58 26.05
CA ASP A 29 -25.39 -25.07 24.78
C ASP A 29 -24.63 -23.81 24.37
N PRO A 30 -23.89 -23.86 23.25
CA PRO A 30 -23.15 -22.66 22.82
C PRO A 30 -24.02 -21.46 22.52
N GLU A 31 -25.27 -21.66 22.11
CA GLU A 31 -26.16 -20.52 21.84
C GLU A 31 -26.55 -19.78 23.11
N GLU A 32 -26.49 -20.44 24.27
CA GLU A 32 -26.73 -19.77 25.54
C GLU A 32 -25.47 -19.11 26.09
N LEU A 33 -24.30 -19.68 25.80
CA LEU A 33 -23.05 -19.15 26.33
C LEU A 33 -22.55 -17.92 25.59
N PHE A 34 -22.96 -17.73 24.34
CA PHE A 34 -22.36 -16.72 23.49
C PHE A 34 -23.42 -15.92 22.77
N THR A 35 -23.12 -14.65 22.56
CA THR A 35 -23.96 -13.72 21.82
C THR A 35 -23.17 -13.32 20.57
N LYS A 36 -23.53 -13.90 19.43
CA LYS A 36 -23.01 -13.36 18.18
C LYS A 36 -23.55 -11.95 17.97
N LEU A 37 -22.73 -11.09 17.38
CA LEU A 37 -23.16 -9.74 17.06
C LEU A 37 -23.04 -9.42 15.57
N GLU A 38 -21.97 -9.86 14.93
CA GLU A 38 -21.81 -9.60 13.51
C GLU A 38 -20.96 -10.72 12.92
N LYS A 39 -21.11 -10.91 11.61
CA LYS A 39 -20.29 -11.86 10.88
C LYS A 39 -18.99 -11.18 10.48
N ILE A 40 -17.86 -11.75 10.93
CA ILE A 40 -16.56 -11.26 10.47
C ILE A 40 -16.36 -11.62 9.00
N GLY A 41 -16.73 -12.84 8.62
CA GLY A 41 -16.63 -13.27 7.25
C GLY A 41 -16.58 -14.78 7.17
N LYS A 42 -16.30 -15.27 5.97
CA LYS A 42 -16.05 -16.69 5.78
C LYS A 42 -14.62 -17.02 6.21
N GLY A 43 -14.44 -18.26 6.66
CA GLY A 43 -13.13 -18.71 7.07
C GLY A 43 -12.87 -20.14 6.66
N SER A 44 -11.92 -20.79 7.33
CA SER A 44 -11.68 -22.21 7.08
C SER A 44 -12.89 -23.03 7.47
N PHE A 45 -13.60 -23.59 6.49
CA PHE A 45 -14.68 -24.57 6.60
C PHE A 45 -15.95 -24.01 7.23
N GLY A 46 -16.02 -22.73 7.55
CA GLY A 46 -17.23 -22.26 8.19
C GLY A 46 -17.24 -20.76 8.32
N GLU A 47 -18.33 -20.26 8.92
CA GLU A 47 -18.50 -18.84 9.17
C GLU A 47 -17.98 -18.48 10.55
N VAL A 48 -17.42 -17.28 10.65
CA VAL A 48 -16.83 -16.79 11.88
C VAL A 48 -17.54 -15.51 12.30
N PHE A 49 -17.84 -15.40 13.59
CA PHE A 49 -18.61 -14.29 14.14
C PHE A 49 -17.82 -13.55 15.20
N LYS A 50 -17.95 -12.23 15.21
CA LYS A 50 -17.58 -11.43 16.37
C LYS A 50 -18.64 -11.64 17.45
N GLY A 51 -18.23 -12.11 18.62
CA GLY A 51 -19.18 -12.53 19.64
C GLY A 51 -18.77 -12.09 21.03
N ILE A 52 -19.63 -12.43 21.99
CA ILE A 52 -19.45 -12.08 23.39
C ILE A 52 -19.59 -13.35 24.22
N ASP A 53 -18.57 -13.68 25.00
CA ASP A 53 -18.74 -14.68 26.04
C ASP A 53 -19.68 -14.11 27.09
N ASN A 54 -20.82 -14.77 27.30
CA ASN A 54 -21.81 -14.20 28.21
C ASN A 54 -21.37 -14.25 29.67
N ARG A 55 -20.46 -15.16 30.02
CA ARG A 55 -19.99 -15.21 31.41
C ARG A 55 -18.99 -14.10 31.69
N THR A 56 -18.08 -13.82 30.75
CA THR A 56 -17.03 -12.84 30.93
C THR A 56 -17.32 -11.50 30.27
N GLN A 57 -18.30 -11.45 29.36
CA GLN A 57 -18.59 -10.30 28.50
C GLN A 57 -17.33 -9.78 27.80
N LYS A 58 -16.32 -10.63 27.65
CA LYS A 58 -15.22 -10.32 26.77
C LYS A 58 -15.58 -10.72 25.34
N VAL A 59 -14.97 -10.05 24.39
CA VAL A 59 -15.29 -10.30 22.99
C VAL A 59 -14.52 -11.52 22.51
N VAL A 60 -15.18 -12.34 21.70
CA VAL A 60 -14.60 -13.58 21.20
C VAL A 60 -14.85 -13.70 19.70
N ALA A 61 -14.00 -14.50 19.05
CA ALA A 61 -14.23 -14.95 17.69
C ALA A 61 -14.84 -16.34 17.73
N ILE A 62 -15.90 -16.54 16.97
CA ILE A 62 -16.66 -17.78 17.00
C ILE A 62 -16.72 -18.31 15.57
N LYS A 63 -15.99 -19.39 15.30
CA LYS A 63 -16.17 -20.13 14.05
C LYS A 63 -17.17 -21.25 14.30
N ILE A 64 -18.14 -21.37 13.40
CA ILE A 64 -19.15 -22.42 13.47
C ILE A 64 -19.02 -23.26 12.21
N ILE A 65 -18.83 -24.57 12.38
CA ILE A 65 -18.62 -25.51 11.31
C ILE A 65 -19.73 -26.54 11.35
N ASP A 66 -20.41 -26.73 10.23
CA ASP A 66 -21.29 -27.88 10.07
C ASP A 66 -20.43 -29.07 9.67
N LEU A 67 -20.34 -30.07 10.55
CA LEU A 67 -19.41 -31.17 10.35
C LEU A 67 -19.92 -32.16 9.31
N GLU A 68 -21.24 -32.20 9.10
CA GLU A 68 -21.76 -33.05 8.02
C GLU A 68 -21.45 -32.46 6.66
N GLU A 69 -21.41 -31.14 6.55
CA GLU A 69 -21.12 -30.48 5.28
C GLU A 69 -19.63 -30.43 4.95
N ALA A 70 -18.77 -30.95 5.82
CA ALA A 70 -17.33 -30.89 5.60
C ALA A 70 -16.67 -32.14 6.19
N GLU A 71 -17.20 -33.31 5.83
CA GLU A 71 -16.73 -34.56 6.44
C GLU A 71 -15.28 -34.85 6.09
N ASP A 72 -14.83 -34.48 4.89
CA ASP A 72 -13.47 -34.81 4.49
C ASP A 72 -12.43 -34.04 5.31
N GLU A 73 -12.73 -32.81 5.71
CA GLU A 73 -11.76 -31.93 6.35
C GLU A 73 -11.79 -32.00 7.87
N ILE A 74 -12.40 -33.05 8.45
CA ILE A 74 -12.63 -33.06 9.89
C ILE A 74 -11.31 -33.31 10.63
N GLU A 75 -10.45 -34.18 10.11
CA GLU A 75 -9.14 -34.36 10.72
C GLU A 75 -8.33 -33.08 10.69
N ASP A 76 -8.44 -32.33 9.58
CA ASP A 76 -7.82 -31.00 9.50
C ASP A 76 -8.31 -30.11 10.64
N ILE A 77 -9.63 -30.04 10.82
CA ILE A 77 -10.20 -29.25 11.92
C ILE A 77 -9.64 -29.74 13.25
N GLN A 78 -9.65 -31.05 13.46
CA GLN A 78 -9.14 -31.62 14.71
C GLN A 78 -7.68 -31.24 14.93
N GLN A 79 -6.87 -31.30 13.87
CA GLN A 79 -5.45 -31.01 14.01
C GLN A 79 -5.20 -29.56 14.39
N GLU A 80 -5.92 -28.61 13.77
CA GLU A 80 -5.71 -27.21 14.10
C GLU A 80 -6.19 -26.89 15.52
N ILE A 81 -7.29 -27.52 15.95
CA ILE A 81 -7.72 -27.35 17.33
C ILE A 81 -6.67 -27.87 18.29
N THR A 82 -6.06 -29.01 17.95
CA THR A 82 -5.06 -29.61 18.82
C THR A 82 -3.83 -28.72 18.96
N VAL A 83 -3.32 -28.20 17.83
CA VAL A 83 -2.09 -27.42 17.87
C VAL A 83 -2.30 -26.10 18.61
N LEU A 84 -3.45 -25.46 18.42
CA LEU A 84 -3.65 -24.17 19.07
C LEU A 84 -4.01 -24.33 20.55
N SER A 85 -4.71 -25.40 20.92
CA SER A 85 -4.96 -25.66 22.34
C SER A 85 -3.67 -25.87 23.14
N GLN A 86 -2.54 -26.11 22.47
CA GLN A 86 -1.26 -26.30 23.14
C GLN A 86 -0.42 -25.03 23.18
N CYS A 87 -0.89 -23.94 22.59
CA CYS A 87 -0.15 -22.69 22.55
C CYS A 87 -0.65 -21.75 23.64
N ASP A 88 0.29 -21.20 24.41
CA ASP A 88 0.02 -20.18 25.42
C ASP A 88 1.08 -19.09 25.23
N SER A 89 0.79 -18.16 24.31
CA SER A 89 1.73 -17.11 23.99
C SER A 89 0.99 -15.85 23.59
N PRO A 90 1.47 -14.68 24.02
CA PRO A 90 0.85 -13.41 23.59
C PRO A 90 0.82 -13.24 22.08
N TYR A 91 1.61 -14.04 21.35
CA TYR A 91 1.75 -13.90 19.92
C TYR A 91 0.97 -14.92 19.12
N VAL A 92 0.28 -15.84 19.80
CA VAL A 92 -0.62 -16.79 19.14
C VAL A 92 -2.03 -16.50 19.62
N THR A 93 -2.96 -16.38 18.68
CA THR A 93 -4.38 -16.21 18.99
C THR A 93 -4.81 -17.24 20.03
N LYS A 94 -5.35 -16.75 21.15
CA LYS A 94 -5.68 -17.62 22.27
C LYS A 94 -6.88 -18.49 21.94
N TYR A 95 -6.84 -19.74 22.41
CA TYR A 95 -7.89 -20.71 22.17
C TYR A 95 -8.70 -20.90 23.46
N TYR A 96 -10.03 -20.87 23.33
CA TYR A 96 -10.90 -20.93 24.49
C TYR A 96 -11.70 -22.22 24.60
N GLY A 97 -11.95 -22.91 23.50
CA GLY A 97 -12.60 -24.19 23.58
C GLY A 97 -13.43 -24.47 22.33
N SER A 98 -14.07 -25.63 22.36
CA SER A 98 -14.95 -26.06 21.29
C SER A 98 -16.28 -26.48 21.88
N TYR A 99 -17.33 -26.29 21.09
CA TYR A 99 -18.66 -26.73 21.49
C TYR A 99 -19.33 -27.41 20.31
N LEU A 100 -20.03 -28.50 20.60
CA LEU A 100 -20.74 -29.26 19.58
C LEU A 100 -22.22 -29.24 19.94
N LYS A 101 -23.01 -28.57 19.11
CA LYS A 101 -24.47 -28.56 19.22
C LYS A 101 -25.04 -29.20 17.95
N ASP A 102 -25.69 -30.35 18.12
CA ASP A 102 -26.15 -31.21 17.02
C ASP A 102 -25.03 -31.52 16.02
N THR A 103 -25.07 -30.96 14.82
CA THR A 103 -24.01 -31.21 13.87
C THR A 103 -23.05 -30.03 13.74
N LYS A 104 -23.23 -28.98 14.52
CA LYS A 104 -22.46 -27.75 14.36
C LYS A 104 -21.42 -27.64 15.46
N LEU A 105 -20.17 -27.54 15.05
CA LEU A 105 -19.04 -27.35 15.98
C LEU A 105 -18.76 -25.86 16.09
N TRP A 106 -18.78 -25.35 17.31
CA TRP A 106 -18.39 -23.98 17.61
C TRP A 106 -16.95 -23.97 18.11
N ILE A 107 -16.08 -23.22 17.44
CA ILE A 107 -14.71 -23.04 17.90
C ILE A 107 -14.57 -21.59 18.37
N ILE A 108 -14.25 -21.43 19.65
CA ILE A 108 -14.19 -20.12 20.30
C ILE A 108 -12.73 -19.72 20.41
N MET A 109 -12.41 -18.53 19.90
CA MET A 109 -11.05 -18.01 19.96
C MET A 109 -11.07 -16.55 20.38
N GLU A 110 -9.88 -16.06 20.70
CA GLU A 110 -9.67 -14.65 20.96
C GLU A 110 -10.09 -13.82 19.75
N TYR A 111 -10.69 -12.66 20.02
CA TYR A 111 -11.05 -11.72 18.96
C TYR A 111 -9.96 -10.67 18.81
N LEU A 112 -9.62 -10.35 17.57
CA LEU A 112 -8.58 -9.38 17.25
C LEU A 112 -9.19 -8.33 16.34
N GLY A 113 -9.52 -7.17 16.92
CA GLY A 113 -10.29 -6.13 16.29
C GLY A 113 -9.58 -5.26 15.27
N GLY A 114 -8.28 -5.44 15.07
CA GLY A 114 -7.58 -4.69 14.06
C GLY A 114 -7.58 -5.31 12.69
N GLY A 115 -8.11 -6.54 12.57
CA GLY A 115 -8.11 -7.23 11.30
C GLY A 115 -6.79 -7.93 11.05
N SER A 116 -6.66 -8.43 9.82
CA SER A 116 -5.45 -9.12 9.40
C SER A 116 -4.41 -8.14 8.88
N ALA A 117 -3.17 -8.61 8.79
CA ALA A 117 -2.11 -7.80 8.20
C ALA A 117 -2.41 -7.49 6.74
N LEU A 118 -3.04 -8.42 6.03
CA LEU A 118 -3.38 -8.19 4.63
C LEU A 118 -4.45 -7.11 4.47
N ASP A 119 -5.39 -7.02 5.42
CA ASP A 119 -6.41 -5.99 5.36
C ASP A 119 -5.79 -4.60 5.37
N LEU A 120 -4.75 -4.40 6.18
CA LEU A 120 -4.15 -3.08 6.35
C LEU A 120 -3.20 -2.72 5.21
N LEU A 121 -2.81 -3.67 4.38
CA LEU A 121 -2.07 -3.34 3.17
C LEU A 121 -2.96 -2.72 2.10
N GLU A 122 -4.28 -2.81 2.25
CA GLU A 122 -5.23 -2.33 1.26
C GLU A 122 -5.40 -0.81 1.30
N PRO A 123 -5.48 -0.16 2.49
CA PRO A 123 -5.50 1.30 2.53
C PRO A 123 -4.38 1.97 1.73
N GLY A 124 -3.29 1.24 1.53
CA GLY A 124 -2.15 1.75 0.78
C GLY A 124 -0.86 1.06 1.19
N PRO A 125 0.20 1.29 0.41
CA PRO A 125 1.47 0.60 0.68
C PRO A 125 2.01 0.93 2.07
N LEU A 126 2.53 -0.08 2.75
CA LEU A 126 3.10 0.08 4.07
C LEU A 126 4.51 0.68 3.98
N ASP A 127 4.84 1.51 4.97
CA ASP A 127 6.22 1.93 5.13
C ASP A 127 6.98 0.89 5.95
N GLU A 128 8.31 1.02 5.95
CA GLU A 128 9.16 -0.03 6.51
C GLU A 128 9.08 -0.07 8.03
N THR A 129 8.71 1.06 8.65
CA THR A 129 8.47 1.05 10.09
C THR A 129 7.34 0.09 10.44
N GLN A 130 6.25 0.12 9.66
CA GLN A 130 5.15 -0.79 9.90
C GLN A 130 5.53 -2.22 9.51
N ILE A 131 6.22 -2.38 8.38
CA ILE A 131 6.70 -3.69 7.97
C ILE A 131 7.53 -4.32 9.08
N ALA A 132 8.53 -3.58 9.57
CA ALA A 132 9.45 -4.13 10.57
C ALA A 132 8.71 -4.48 11.85
N THR A 133 7.83 -3.59 12.32
CA THR A 133 7.11 -3.83 13.57
C THR A 133 6.25 -5.09 13.48
N ILE A 134 5.56 -5.27 12.35
CA ILE A 134 4.77 -6.48 12.15
C ILE A 134 5.67 -7.69 12.01
N LEU A 135 6.69 -7.60 11.14
CA LEU A 135 7.67 -8.68 11.02
C LEU A 135 8.22 -9.11 12.37
N ARG A 136 8.58 -8.14 13.20
CA ARG A 136 9.19 -8.47 14.49
C ARG A 136 8.22 -9.24 15.37
N GLU A 137 6.96 -8.79 15.42
CA GLU A 137 5.96 -9.49 16.23
C GLU A 137 5.70 -10.90 15.69
N ILE A 138 5.61 -11.05 14.37
CA ILE A 138 5.47 -12.38 13.79
C ILE A 138 6.64 -13.26 14.20
N LEU A 139 7.85 -12.70 14.18
CA LEU A 139 9.05 -13.48 14.53
C LEU A 139 9.00 -13.97 15.97
N LYS A 140 8.48 -13.14 16.88
CA LYS A 140 8.28 -13.61 18.25
C LYS A 140 7.29 -14.75 18.32
N GLY A 141 6.28 -14.73 17.46
CA GLY A 141 5.37 -15.86 17.37
C GLY A 141 6.05 -17.10 16.82
N LEU A 142 6.80 -16.93 15.74
CA LEU A 142 7.55 -18.06 15.18
C LEU A 142 8.54 -18.63 16.19
N ASP A 143 9.23 -17.76 16.93
CA ASP A 143 10.24 -18.23 17.87
C ASP A 143 9.60 -18.95 19.05
N TYR A 144 8.44 -18.47 19.53
CA TYR A 144 7.71 -19.22 20.54
C TYR A 144 7.31 -20.58 20.02
N LEU A 145 6.74 -20.61 18.81
CA LEU A 145 6.33 -21.87 18.20
C LEU A 145 7.52 -22.80 18.02
N HIS A 146 8.57 -22.33 17.34
CA HIS A 146 9.69 -23.17 17.01
C HIS A 146 10.42 -23.68 18.26
N SER A 147 10.39 -22.89 19.34
CA SER A 147 10.98 -23.36 20.59
C SER A 147 10.10 -24.43 21.24
N GLU A 148 8.80 -24.38 21.03
CA GLU A 148 7.89 -25.42 21.50
C GLU A 148 7.80 -26.61 20.54
N LYS A 149 8.65 -26.66 19.53
CA LYS A 149 8.65 -27.72 18.52
C LYS A 149 7.33 -27.76 17.77
N LYS A 150 6.87 -26.58 17.34
CA LYS A 150 5.67 -26.43 16.54
C LYS A 150 5.98 -25.63 15.29
N ILE A 151 5.17 -25.85 14.26
CA ILE A 151 5.31 -25.16 12.99
C ILE A 151 3.96 -24.56 12.61
N HIS A 152 3.97 -23.33 12.09
CA HIS A 152 2.72 -22.69 11.71
C HIS A 152 2.18 -23.27 10.40
N ARG A 153 3.07 -23.43 9.41
CA ARG A 153 2.83 -24.08 8.11
C ARG A 153 2.06 -23.20 7.12
N ASP A 154 1.64 -22.00 7.50
CA ASP A 154 0.94 -21.12 6.58
C ASP A 154 1.15 -19.66 7.00
N ILE A 155 2.42 -19.27 7.16
CA ILE A 155 2.73 -17.89 7.47
C ILE A 155 2.49 -17.03 6.24
N LYS A 156 1.63 -16.02 6.39
CA LYS A 156 1.24 -15.10 5.33
C LYS A 156 0.48 -13.96 5.99
N ALA A 157 0.33 -12.86 5.24
CA ALA A 157 -0.27 -11.66 5.81
C ALA A 157 -1.69 -11.90 6.27
N ALA A 158 -2.46 -12.70 5.52
CA ALA A 158 -3.86 -12.93 5.87
C ALA A 158 -4.02 -13.73 7.16
N ASN A 159 -2.98 -14.46 7.59
CA ASN A 159 -3.05 -15.26 8.80
C ASN A 159 -2.38 -14.59 9.99
N VAL A 160 -2.06 -13.31 9.87
CA VAL A 160 -1.53 -12.51 10.97
C VAL A 160 -2.59 -11.48 11.34
N LEU A 161 -3.12 -11.59 12.56
CA LEU A 161 -4.21 -10.74 13.02
C LEU A 161 -3.72 -9.77 14.08
N LEU A 162 -4.33 -8.59 14.09
CA LEU A 162 -3.93 -7.51 14.99
C LEU A 162 -5.09 -7.12 15.90
N SER A 163 -4.77 -6.77 17.14
CA SER A 163 -5.77 -6.30 18.08
C SER A 163 -6.11 -4.84 17.78
N GLU A 164 -7.06 -4.30 18.54
CA GLU A 164 -7.40 -2.89 18.38
C GLU A 164 -6.24 -1.99 18.76
N HIS A 165 -5.31 -2.48 19.59
CA HIS A 165 -4.23 -1.67 20.13
C HIS A 165 -2.87 -2.00 19.50
N GLY A 166 -2.86 -2.72 18.38
CA GLY A 166 -1.65 -2.91 17.60
C GLY A 166 -0.90 -4.19 17.85
N GLU A 167 -1.33 -5.02 18.79
CA GLU A 167 -0.66 -6.31 19.01
C GLU A 167 -0.87 -7.22 17.82
N VAL A 168 0.15 -8.02 17.52
CA VAL A 168 0.20 -8.86 16.32
C VAL A 168 0.27 -10.31 16.74
N LYS A 169 -0.62 -11.13 16.18
CA LYS A 169 -0.74 -12.54 16.58
C LYS A 169 -0.95 -13.42 15.36
N LEU A 170 -0.45 -14.65 15.46
CA LEU A 170 -0.59 -15.63 14.40
C LEU A 170 -1.91 -16.39 14.55
N ALA A 171 -2.56 -16.65 13.41
CA ALA A 171 -3.81 -17.38 13.38
C ALA A 171 -3.82 -18.30 12.17
N ASP A 172 -4.90 -19.05 12.02
CA ASP A 172 -5.13 -19.95 10.87
C ASP A 172 -3.89 -20.80 10.57
N PHE A 173 -3.60 -21.68 11.53
CA PHE A 173 -2.47 -22.58 11.38
C PHE A 173 -2.72 -23.57 10.25
N GLY A 174 -1.66 -23.89 9.52
CA GLY A 174 -1.71 -25.01 8.62
C GLY A 174 -1.51 -26.33 9.34
N VAL A 175 -1.92 -27.41 8.70
CA VAL A 175 -1.79 -28.75 9.25
C VAL A 175 -1.08 -29.63 8.23
N ALA A 176 -0.75 -30.84 8.65
CA ALA A 176 -0.09 -31.80 7.78
C ALA A 176 -0.95 -33.03 7.59
N THR A 192 -3.01 -22.65 -2.25
CA THR A 192 -2.09 -21.77 -2.96
C THR A 192 -0.66 -21.96 -2.47
N PRO A 193 0.29 -22.06 -3.41
CA PRO A 193 1.69 -22.35 -3.05
C PRO A 193 2.60 -21.14 -2.94
N PHE A 194 2.06 -19.92 -3.02
CA PHE A 194 2.91 -18.74 -3.18
C PHE A 194 3.83 -18.51 -1.99
N TRP A 195 3.41 -18.89 -0.78
CA TRP A 195 4.21 -18.70 0.42
C TRP A 195 4.99 -19.95 0.83
N MET A 196 4.95 -21.01 0.02
CA MET A 196 5.52 -22.29 0.42
C MET A 196 7.03 -22.33 0.19
N ALA A 197 7.73 -23.01 1.09
CA ALA A 197 9.14 -23.26 0.91
C ALA A 197 9.35 -24.28 -0.21
N PRO A 198 10.46 -24.18 -0.94
CA PRO A 198 10.72 -25.16 -2.02
C PRO A 198 10.75 -26.60 -1.53
N GLU A 199 11.30 -26.85 -0.33
CA GLU A 199 11.32 -28.22 0.18
C GLU A 199 9.93 -28.69 0.59
N VAL A 200 9.05 -27.77 0.97
CA VAL A 200 7.66 -28.13 1.26
C VAL A 200 6.96 -28.57 -0.01
N ILE A 201 7.10 -27.79 -1.09
CA ILE A 201 6.52 -28.14 -2.37
C ILE A 201 6.96 -29.54 -2.79
N LYS A 202 8.27 -29.79 -2.76
CA LYS A 202 8.81 -31.09 -3.14
C LYS A 202 8.60 -32.12 -2.03
N GLN A 203 7.56 -31.90 -1.21
CA GLN A 203 7.05 -32.83 -0.21
C GLN A 203 8.11 -33.49 0.64
N SER A 204 9.25 -32.82 0.85
CA SER A 204 10.25 -33.34 1.76
C SER A 204 9.84 -33.05 3.20
N ALA A 205 10.42 -33.80 4.12
CA ALA A 205 10.23 -33.52 5.53
C ALA A 205 10.72 -32.12 5.84
N TYR A 206 9.83 -31.27 6.35
CA TYR A 206 10.15 -29.87 6.59
C TYR A 206 10.01 -29.54 8.07
N ASP A 207 10.80 -28.56 8.49
CA ASP A 207 10.82 -28.15 9.89
C ASP A 207 10.52 -26.66 10.01
N SER A 208 11.02 -26.03 11.08
CA SER A 208 10.75 -24.62 11.32
C SER A 208 11.23 -23.72 10.19
N LYS A 209 12.25 -24.15 9.43
CA LYS A 209 12.79 -23.32 8.36
C LYS A 209 11.79 -23.04 7.25
N ALA A 210 10.75 -23.87 7.12
CA ALA A 210 9.68 -23.56 6.18
C ALA A 210 8.96 -22.28 6.57
N ASP A 211 8.67 -22.12 7.87
CA ASP A 211 8.08 -20.88 8.35
C ASP A 211 8.97 -19.68 8.04
N ILE A 212 10.29 -19.85 8.19
CA ILE A 212 11.21 -18.76 7.91
C ILE A 212 11.13 -18.35 6.45
N TRP A 213 11.01 -19.33 5.55
CA TRP A 213 10.82 -19.00 4.13
C TRP A 213 9.50 -18.26 3.93
N SER A 214 8.42 -18.78 4.50
CA SER A 214 7.13 -18.12 4.37
C SER A 214 7.16 -16.70 4.91
N LEU A 215 7.90 -16.48 6.01
CA LEU A 215 8.06 -15.14 6.53
C LEU A 215 8.75 -14.23 5.52
N GLY A 216 9.80 -14.74 4.87
CA GLY A 216 10.45 -13.95 3.84
C GLY A 216 9.52 -13.58 2.70
N ILE A 217 8.62 -14.50 2.34
CA ILE A 217 7.60 -14.19 1.34
C ILE A 217 6.62 -13.17 1.91
N THR A 218 6.24 -13.32 3.18
CA THR A 218 5.33 -12.37 3.80
C THR A 218 5.92 -10.97 3.85
N ALA A 219 7.24 -10.88 4.12
CA ALA A 219 7.91 -9.58 4.09
C ALA A 219 7.76 -8.92 2.73
N ILE A 220 7.96 -9.69 1.65
CA ILE A 220 7.73 -9.17 0.31
C ILE A 220 6.28 -8.74 0.14
N GLU A 221 5.34 -9.53 0.66
CA GLU A 221 3.93 -9.19 0.56
C GLU A 221 3.62 -7.88 1.26
N LEU A 222 4.13 -7.70 2.48
CA LEU A 222 3.87 -6.48 3.21
C LEU A 222 4.50 -5.26 2.55
N ALA A 223 5.60 -5.45 1.83
CA ALA A 223 6.27 -4.36 1.16
C ALA A 223 5.73 -4.10 -0.25
N ARG A 224 5.13 -5.10 -0.88
CA ARG A 224 4.70 -5.00 -2.26
C ARG A 224 3.20 -5.20 -2.47
N GLY A 225 2.52 -5.88 -1.55
CA GLY A 225 1.08 -6.09 -1.64
C GLY A 225 0.66 -7.52 -1.94
N GLU A 226 1.54 -8.32 -2.54
CA GLU A 226 1.22 -9.68 -2.92
C GLU A 226 2.51 -10.47 -3.05
N PRO A 227 2.46 -11.79 -2.95
CA PRO A 227 3.68 -12.60 -3.03
C PRO A 227 4.25 -12.61 -4.43
N PRO A 228 5.50 -13.04 -4.59
CA PRO A 228 6.04 -13.31 -5.93
C PRO A 228 5.15 -14.30 -6.68
N HIS A 229 5.14 -14.15 -8.00
CA HIS A 229 4.36 -14.99 -8.93
C HIS A 229 2.85 -14.89 -8.70
N SER A 230 2.36 -13.81 -8.09
CA SER A 230 0.94 -13.77 -7.73
C SER A 230 0.02 -13.77 -8.95
N GLU A 231 0.51 -13.36 -10.11
CA GLU A 231 -0.31 -13.32 -11.32
C GLU A 231 -0.27 -14.62 -12.10
N LEU A 232 0.44 -15.64 -11.62
CA LEU A 232 0.63 -16.88 -12.35
C LEU A 232 -0.26 -17.98 -11.80
N HIS A 233 -0.57 -18.96 -12.65
CA HIS A 233 -1.39 -20.08 -12.22
C HIS A 233 -0.67 -20.88 -11.16
N PRO A 234 -1.38 -21.30 -10.09
CA PRO A 234 -0.73 -22.04 -9.01
C PRO A 234 0.14 -23.22 -9.45
N MET A 235 -0.30 -23.99 -10.44
CA MET A 235 0.48 -25.15 -10.84
C MET A 235 1.81 -24.74 -11.46
N LYS A 236 1.85 -23.63 -12.18
CA LYS A 236 3.12 -23.09 -12.64
C LYS A 236 4.02 -22.73 -11.46
N VAL A 237 3.47 -21.98 -10.50
CA VAL A 237 4.21 -21.59 -9.30
C VAL A 237 4.72 -22.82 -8.56
N LEU A 238 4.04 -23.97 -8.70
CA LEU A 238 4.45 -25.17 -7.99
C LEU A 238 5.80 -25.68 -8.47
N PHE A 239 6.16 -25.47 -9.74
CA PHE A 239 7.48 -25.85 -10.19
C PHE A 239 8.45 -24.67 -10.26
N LEU A 240 7.94 -23.44 -10.34
CA LEU A 240 8.83 -22.27 -10.37
C LEU A 240 9.64 -22.17 -9.08
N ILE A 241 9.02 -22.44 -7.94
CA ILE A 241 9.65 -22.23 -6.64
C ILE A 241 10.81 -23.20 -6.44
N PRO A 242 10.65 -24.51 -6.69
CA PRO A 242 11.85 -25.38 -6.65
C PRO A 242 12.87 -25.06 -7.73
N LYS A 243 12.41 -24.68 -8.92
CA LYS A 243 13.32 -24.50 -10.05
C LYS A 243 14.09 -23.19 -9.96
N ASN A 244 13.41 -22.09 -9.69
CA ASN A 244 14.02 -20.77 -9.84
C ASN A 244 14.89 -20.40 -8.64
N ASN A 245 15.68 -19.34 -8.83
CA ASN A 245 16.36 -18.68 -7.75
C ASN A 245 15.34 -18.19 -6.72
N PRO A 246 15.76 -18.00 -5.47
CA PRO A 246 14.87 -17.38 -4.50
C PRO A 246 14.45 -16.00 -4.98
N PRO A 247 13.19 -15.61 -4.77
CA PRO A 247 12.82 -14.24 -5.08
C PRO A 247 13.53 -13.27 -4.14
N THR A 248 13.81 -12.08 -4.67
CA THR A 248 14.37 -11.00 -3.87
C THR A 248 13.41 -9.83 -3.89
N LEU A 249 13.51 -9.00 -2.85
CA LEU A 249 12.68 -7.81 -2.77
C LEU A 249 13.21 -6.76 -3.74
N GLU A 250 12.49 -6.53 -4.82
CA GLU A 250 12.85 -5.51 -5.79
C GLU A 250 12.13 -4.21 -5.48
N GLY A 251 12.76 -3.10 -5.86
CA GLY A 251 12.22 -1.77 -5.65
C GLY A 251 13.10 -0.94 -4.72
N ASN A 252 12.64 0.28 -4.49
CA ASN A 252 13.40 1.27 -3.71
C ASN A 252 13.11 1.07 -2.23
N TYR A 253 13.78 0.07 -1.66
CA TYR A 253 13.75 -0.20 -0.23
C TYR A 253 15.15 -0.14 0.33
N SER A 254 15.24 0.10 1.63
CA SER A 254 16.53 0.12 2.30
C SER A 254 17.18 -1.26 2.19
N LYS A 255 18.53 -1.26 2.16
CA LYS A 255 19.26 -2.51 2.03
C LYS A 255 18.95 -3.51 3.14
N PRO A 256 18.91 -3.14 4.42
CA PRO A 256 18.57 -4.15 5.46
C PRO A 256 17.26 -4.89 5.22
N LEU A 257 16.24 -4.22 4.64
CA LEU A 257 15.02 -4.94 4.29
C LEU A 257 15.28 -5.98 3.21
N LYS A 258 16.04 -5.60 2.17
CA LYS A 258 16.41 -6.56 1.14
C LYS A 258 17.20 -7.71 1.71
N GLU A 259 18.10 -7.43 2.66
CA GLU A 259 18.92 -8.48 3.24
C GLU A 259 18.15 -9.33 4.24
N PHE A 260 17.17 -8.74 4.94
CA PHE A 260 16.25 -9.55 5.74
C PHE A 260 15.53 -10.56 4.87
N VAL A 261 14.98 -10.10 3.73
CA VAL A 261 14.22 -10.97 2.85
C VAL A 261 15.10 -12.10 2.32
N GLU A 262 16.27 -11.75 1.78
CA GLU A 262 17.13 -12.75 1.16
C GLU A 262 17.70 -13.73 2.18
N ALA A 263 17.89 -13.27 3.43
CA ALA A 263 18.26 -14.20 4.50
C ALA A 263 17.20 -15.27 4.67
N CYS A 264 15.93 -14.86 4.74
CA CYS A 264 14.84 -15.82 4.85
C CYS A 264 14.75 -16.69 3.60
N LEU A 265 14.90 -16.08 2.43
CA LEU A 265 14.65 -16.77 1.16
C LEU A 265 15.96 -17.39 0.65
N ASN A 266 16.35 -18.47 1.32
CA ASN A 266 17.47 -19.31 0.90
C ASN A 266 16.91 -20.66 0.50
N LYS A 267 17.26 -21.12 -0.70
CA LYS A 267 16.74 -22.39 -1.19
C LYS A 267 17.08 -23.54 -0.26
N GLU A 268 18.22 -23.47 0.40
CA GLU A 268 18.60 -24.47 1.39
C GLU A 268 17.96 -24.14 2.73
N PRO A 269 17.09 -24.99 3.27
CA PRO A 269 16.42 -24.66 4.54
C PRO A 269 17.38 -24.54 5.72
N SER A 270 18.43 -25.36 5.78
CA SER A 270 19.34 -25.31 6.91
C SER A 270 20.26 -24.09 6.90
N PHE A 271 20.19 -23.24 5.88
CA PHE A 271 20.94 -21.99 5.85
C PHE A 271 20.05 -20.79 6.14
N ARG A 272 18.84 -21.02 6.54
CA ARG A 272 17.94 -19.95 6.98
C ARG A 272 18.08 -19.74 8.47
N PRO A 273 18.17 -18.48 8.90
CA PRO A 273 18.32 -18.20 10.33
C PRO A 273 17.08 -18.57 11.10
N THR A 274 17.26 -18.73 12.41
CA THR A 274 16.11 -18.94 13.29
C THR A 274 15.29 -17.65 13.38
N ALA A 275 14.08 -17.79 13.93
CA ALA A 275 13.32 -16.60 14.29
C ALA A 275 14.07 -15.78 15.34
N LYS A 276 14.84 -16.44 16.21
CA LYS A 276 15.60 -15.74 17.22
C LYS A 276 16.72 -14.91 16.61
N GLU A 277 17.42 -15.48 15.61
CA GLU A 277 18.46 -14.72 14.91
C GLU A 277 17.89 -13.48 14.24
N LEU A 278 16.73 -13.62 13.60
CA LEU A 278 16.20 -12.55 12.76
C LEU A 278 15.70 -11.36 13.57
N LEU A 279 15.31 -11.59 14.83
CA LEU A 279 14.90 -10.48 15.69
C LEU A 279 16.05 -9.51 15.94
N LYS A 280 17.29 -9.94 15.75
CA LYS A 280 18.45 -9.07 15.86
C LYS A 280 18.92 -8.55 14.51
N HIS A 281 18.23 -8.88 13.43
CA HIS A 281 18.60 -8.38 12.12
C HIS A 281 18.55 -6.86 12.11
N LYS A 282 19.54 -6.24 11.45
CA LYS A 282 19.65 -4.79 11.45
C LYS A 282 18.37 -4.12 10.98
N PHE A 283 17.63 -4.76 10.07
CA PHE A 283 16.37 -4.16 9.61
C PHE A 283 15.35 -4.08 10.73
N ILE A 284 15.27 -5.11 11.56
CA ILE A 284 14.32 -5.09 12.68
C ILE A 284 14.77 -4.07 13.73
N LEU A 285 16.06 -4.07 14.06
CA LEU A 285 16.56 -3.20 15.11
C LEU A 285 16.39 -1.73 14.75
N ARG A 286 16.58 -1.38 13.49
CA ARG A 286 16.59 0.03 13.11
C ARG A 286 15.18 0.57 12.86
N ASN A 287 14.23 -0.28 12.48
CA ASN A 287 12.93 0.21 12.03
C ASN A 287 11.76 -0.13 12.96
N ALA A 288 11.81 -1.27 13.65
CA ALA A 288 10.64 -1.70 14.43
C ALA A 288 10.39 -0.79 15.61
N LYS A 289 9.12 -0.50 15.87
CA LYS A 289 8.69 0.36 16.97
C LYS A 289 7.86 -0.46 17.96
N LYS A 290 7.24 0.25 18.91
CA LYS A 290 6.27 -0.37 19.80
C LYS A 290 5.03 -0.75 19.01
N THR A 291 4.38 -1.84 19.44
CA THR A 291 3.22 -2.35 18.72
C THR A 291 2.11 -1.31 18.66
N SER A 292 2.02 -0.43 19.66
CA SER A 292 0.99 0.58 19.69
C SER A 292 1.09 1.57 18.53
N TYR A 293 2.28 1.67 17.93
CA TYR A 293 2.47 2.55 16.77
C TYR A 293 1.53 2.16 15.62
N LEU A 294 1.12 0.90 15.55
CA LEU A 294 0.25 0.42 14.49
C LEU A 294 -1.19 0.86 14.65
N THR A 295 -1.58 1.39 15.81
CA THR A 295 -2.96 1.81 16.03
C THR A 295 -3.43 2.78 14.97
N GLU A 296 -2.54 3.69 14.57
CA GLU A 296 -2.87 4.66 13.52
C GLU A 296 -3.25 3.95 12.24
N LEU A 297 -2.43 2.97 11.83
CA LEU A 297 -2.70 2.22 10.59
C LEU A 297 -3.99 1.42 10.69
N ILE A 298 -4.27 0.87 11.87
CA ILE A 298 -5.52 0.16 12.09
C ILE A 298 -6.70 1.13 11.99
N ASP A 299 -6.56 2.33 12.55
CA ASP A 299 -7.62 3.31 12.48
C ASP A 299 -7.85 3.79 11.05
N ALA A 300 -6.82 3.73 10.19
CA ALA A 300 -7.01 4.05 8.79
C ALA A 300 -7.95 3.05 8.12
N HIS A 301 -7.89 1.79 8.54
CA HIS A 301 -8.67 0.74 7.90
C HIS A 301 -10.15 0.81 8.26
N HIS A 302 -10.49 1.44 9.37
CA HIS A 302 -11.89 1.54 9.78
C HIS A 302 -12.51 2.86 9.31
N THR B 24 13.65 22.79 7.64
CA THR B 24 14.90 23.12 6.97
C THR B 24 16.07 22.99 7.95
N ASN B 25 17.06 22.19 7.55
CA ASN B 25 18.20 21.84 8.39
C ASN B 25 19.43 22.59 7.92
N LEU B 26 20.19 23.13 8.88
CA LEU B 26 21.41 23.87 8.57
C LEU B 26 22.67 23.30 9.21
N LYS B 27 22.54 22.33 10.12
CA LYS B 27 23.71 21.78 10.79
C LYS B 27 24.38 20.69 9.98
N ALA B 28 23.60 19.70 9.54
CA ALA B 28 24.16 18.55 8.85
C ALA B 28 24.61 18.92 7.43
N ASP B 29 25.51 18.10 6.90
CA ASP B 29 26.05 18.32 5.57
C ASP B 29 25.29 17.43 4.59
N PRO B 30 24.44 17.98 3.72
CA PRO B 30 23.70 17.12 2.77
C PRO B 30 24.61 16.36 1.83
N GLU B 31 25.82 16.85 1.59
CA GLU B 31 26.75 16.16 0.70
C GLU B 31 27.41 14.96 1.37
N GLU B 32 27.39 14.88 2.70
CA GLU B 32 27.86 13.70 3.41
C GLU B 32 26.75 12.70 3.70
N LEU B 33 25.51 13.15 3.75
CA LEU B 33 24.37 12.27 3.98
C LEU B 33 23.84 11.66 2.70
N PHE B 34 24.05 12.32 1.56
CA PHE B 34 23.50 11.88 0.30
C PHE B 34 24.58 11.88 -0.78
N THR B 35 24.57 10.84 -1.59
CA THR B 35 25.41 10.77 -2.79
C THR B 35 24.61 11.31 -3.97
N LYS B 36 25.20 12.27 -4.68
CA LYS B 36 24.52 12.91 -5.80
C LYS B 36 24.80 12.11 -7.07
N LEU B 37 23.76 11.50 -7.62
CA LEU B 37 23.90 10.78 -8.88
C LEU B 37 23.43 11.63 -10.05
N GLU B 38 22.90 10.99 -11.09
CA GLU B 38 22.63 11.70 -12.33
C GLU B 38 21.46 12.66 -12.16
N LYS B 39 21.42 13.64 -13.07
CA LYS B 39 20.40 14.67 -13.04
C LYS B 39 19.09 14.12 -13.56
N ILE B 40 18.03 14.23 -12.74
CA ILE B 40 16.70 13.79 -13.18
C ILE B 40 16.18 14.69 -14.29
N GLY B 41 16.40 15.98 -14.17
CA GLY B 41 15.94 16.93 -15.17
C GLY B 41 15.79 18.30 -14.55
N LYS B 42 15.15 19.18 -15.31
CA LYS B 42 14.85 20.53 -14.82
C LYS B 42 13.56 20.50 -14.04
N GLY B 43 13.64 20.81 -12.74
CA GLY B 43 12.48 21.05 -11.92
C GLY B 43 12.17 22.52 -11.77
N SER B 44 11.24 22.81 -10.89
CA SER B 44 10.87 24.20 -10.62
C SER B 44 11.95 24.85 -9.75
N PHE B 45 12.51 25.95 -10.23
CA PHE B 45 13.47 26.79 -9.51
C PHE B 45 14.88 26.21 -9.44
N GLY B 46 15.02 24.90 -9.65
CA GLY B 46 16.33 24.30 -9.55
C GLY B 46 16.51 23.04 -10.36
N GLU B 47 17.65 22.38 -10.19
CA GLU B 47 17.93 21.11 -10.82
C GLU B 47 17.63 19.98 -9.84
N VAL B 48 17.09 18.88 -10.35
CA VAL B 48 16.71 17.72 -9.55
C VAL B 48 17.63 16.57 -9.91
N PHE B 49 18.15 15.89 -8.90
CA PHE B 49 19.07 14.79 -9.09
C PHE B 49 18.55 13.53 -8.40
N LYS B 50 18.81 12.39 -9.03
CA LYS B 50 18.70 11.12 -8.35
C LYS B 50 19.84 10.99 -7.34
N GLY B 51 19.53 10.48 -6.16
CA GLY B 51 20.53 10.39 -5.10
C GLY B 51 20.32 9.19 -4.21
N ILE B 52 21.39 8.83 -3.51
CA ILE B 52 21.34 7.76 -2.51
C ILE B 52 21.31 8.38 -1.13
N ASP B 53 20.43 7.86 -0.28
CA ASP B 53 20.55 8.08 1.16
C ASP B 53 21.66 7.17 1.66
N ASN B 54 22.78 7.76 2.09
CA ASN B 54 23.93 6.95 2.49
C ASN B 54 23.63 6.11 3.74
N ARG B 55 22.72 6.58 4.59
CA ARG B 55 22.33 5.79 5.75
C ARG B 55 21.57 4.54 5.32
N THR B 56 20.55 4.70 4.46
CA THR B 56 19.62 3.63 4.16
C THR B 56 19.89 2.92 2.83
N GLN B 57 20.57 3.58 1.89
CA GLN B 57 20.74 3.14 0.51
C GLN B 57 19.43 3.16 -0.27
N LYS B 58 18.38 3.78 0.28
CA LYS B 58 17.21 4.08 -0.52
C LYS B 58 17.51 5.24 -1.46
N VAL B 59 16.92 5.20 -2.64
CA VAL B 59 17.16 6.21 -3.66
C VAL B 59 16.23 7.40 -3.42
N VAL B 60 16.78 8.60 -3.57
CA VAL B 60 16.05 9.83 -3.28
C VAL B 60 16.11 10.75 -4.49
N ALA B 61 15.22 11.73 -4.50
CA ALA B 61 15.28 12.84 -5.44
C ALA B 61 15.76 14.08 -4.71
N ILE B 62 16.75 14.76 -5.27
CA ILE B 62 17.38 15.90 -4.63
C ILE B 62 17.22 17.11 -5.54
N LYS B 63 16.39 18.05 -5.12
CA LYS B 63 16.31 19.36 -5.76
C LYS B 63 17.30 20.29 -5.08
N ILE B 64 18.11 20.96 -5.88
CA ILE B 64 19.13 21.89 -5.38
C ILE B 64 18.80 23.27 -5.96
N ILE B 65 18.56 24.24 -5.06
CA ILE B 65 18.17 25.59 -5.44
C ILE B 65 19.23 26.56 -4.92
N ASP B 66 19.84 27.31 -5.83
CA ASP B 66 20.74 28.39 -5.45
C ASP B 66 19.88 29.59 -5.07
N LEU B 67 19.92 29.96 -3.79
CA LEU B 67 19.01 30.98 -3.29
C LEU B 67 19.54 32.39 -3.51
N GLU B 68 20.86 32.57 -3.52
CA GLU B 68 21.41 33.87 -3.89
C GLU B 68 21.13 34.17 -5.36
N GLU B 69 20.80 33.16 -6.16
CA GLU B 69 20.36 33.33 -7.53
C GLU B 69 18.84 33.29 -7.65
N ALA B 70 18.11 33.57 -6.57
CA ALA B 70 16.66 33.49 -6.59
C ALA B 70 16.02 34.70 -5.92
N GLU B 71 15.83 34.62 -4.59
CA GLU B 71 15.27 35.68 -3.76
C GLU B 71 13.78 35.88 -3.99
N ASP B 72 13.38 36.21 -5.22
CA ASP B 72 11.99 36.50 -5.50
C ASP B 72 11.09 35.29 -5.28
N GLU B 73 11.62 34.09 -5.49
CA GLU B 73 10.83 32.87 -5.44
C GLU B 73 10.91 32.14 -4.12
N ILE B 74 11.62 32.69 -3.13
CA ILE B 74 11.90 31.96 -1.90
C ILE B 74 10.62 31.63 -1.15
N GLU B 75 9.67 32.56 -1.12
CA GLU B 75 8.42 32.32 -0.41
C GLU B 75 7.64 31.17 -1.04
N ASP B 76 7.56 31.15 -2.37
CA ASP B 76 6.92 30.03 -3.06
C ASP B 76 7.60 28.71 -2.70
N ILE B 77 8.93 28.71 -2.63
CA ILE B 77 9.67 27.49 -2.29
C ILE B 77 9.29 27.01 -0.89
N GLN B 78 9.31 27.92 0.08
CA GLN B 78 9.05 27.49 1.46
C GLN B 78 7.59 27.11 1.66
N GLN B 79 6.67 27.74 0.94
CA GLN B 79 5.27 27.32 0.99
C GLN B 79 5.11 25.89 0.51
N GLU B 80 5.73 25.56 -0.63
CA GLU B 80 5.64 24.19 -1.13
C GLU B 80 6.33 23.21 -0.18
N ILE B 81 7.48 23.61 0.38
CA ILE B 81 8.12 22.80 1.40
C ILE B 81 7.16 22.52 2.55
N THR B 82 6.44 23.55 3.00
CA THR B 82 5.54 23.41 4.14
C THR B 82 4.40 22.45 3.83
N VAL B 83 3.75 22.63 2.67
CA VAL B 83 2.62 21.78 2.30
C VAL B 83 3.05 20.31 2.28
N LEU B 84 4.17 20.02 1.63
CA LEU B 84 4.60 18.64 1.48
C LEU B 84 5.17 18.09 2.78
N SER B 85 5.69 18.95 3.66
CA SER B 85 6.08 18.49 4.99
C SER B 85 4.88 18.19 5.87
N GLN B 86 3.69 18.69 5.49
CA GLN B 86 2.48 18.40 6.22
C GLN B 86 1.71 17.20 5.67
N CYS B 87 2.10 16.69 4.51
CA CYS B 87 1.48 15.52 3.92
C CYS B 87 2.14 14.25 4.44
N ASP B 88 1.33 13.21 4.65
CA ASP B 88 1.82 11.88 5.02
C ASP B 88 0.83 10.88 4.42
N SER B 89 0.98 10.62 3.13
CA SER B 89 0.07 9.74 2.42
C SER B 89 0.81 8.95 1.36
N PRO B 90 0.51 7.66 1.20
CA PRO B 90 1.13 6.87 0.12
C PRO B 90 0.85 7.39 -1.28
N TYR B 91 -0.07 8.35 -1.45
CA TYR B 91 -0.38 8.90 -2.75
C TYR B 91 0.21 10.30 -2.96
N VAL B 92 1.07 10.73 -2.05
CA VAL B 92 1.79 12.00 -2.17
C VAL B 92 3.27 11.71 -1.95
N THR B 93 4.11 12.24 -2.84
CA THR B 93 5.55 12.05 -2.73
C THR B 93 6.02 12.45 -1.34
N LYS B 94 6.79 11.57 -0.71
CA LYS B 94 7.25 11.79 0.66
C LYS B 94 8.35 12.84 0.69
N TYR B 95 8.21 13.82 1.58
CA TYR B 95 9.24 14.81 1.82
C TYR B 95 10.12 14.35 2.96
N TYR B 96 11.44 14.37 2.74
CA TYR B 96 12.38 13.85 3.73
C TYR B 96 13.08 14.96 4.52
N GLY B 97 13.23 16.13 3.95
CA GLY B 97 13.85 17.23 4.69
C GLY B 97 14.44 18.23 3.72
N SER B 98 14.99 19.30 4.31
CA SER B 98 15.68 20.33 3.56
C SER B 98 17.01 20.66 4.25
N TYR B 99 17.99 21.06 3.45
CA TYR B 99 19.32 21.35 3.94
C TYR B 99 19.85 22.59 3.25
N LEU B 100 20.58 23.40 4.01
CA LEU B 100 21.12 24.67 3.52
C LEU B 100 22.64 24.64 3.67
N LYS B 101 23.33 24.30 2.58
CA LYS B 101 24.78 24.31 2.54
C LYS B 101 25.22 25.51 1.72
N ASP B 102 25.91 26.44 2.39
CA ASP B 102 26.27 27.73 1.80
C ASP B 102 25.03 28.38 1.20
N THR B 103 25.07 28.74 -0.08
CA THR B 103 23.97 29.46 -0.71
C THR B 103 22.93 28.54 -1.36
N LYS B 104 23.09 27.23 -1.25
CA LYS B 104 22.24 26.29 -1.99
C LYS B 104 21.39 25.47 -1.03
N LEU B 105 20.08 25.46 -1.30
CA LEU B 105 19.11 24.69 -0.53
C LEU B 105 18.87 23.36 -1.22
N TRP B 106 18.96 22.27 -0.46
CA TRP B 106 18.70 20.93 -0.97
C TRP B 106 17.38 20.44 -0.40
N ILE B 107 16.44 20.10 -1.28
CA ILE B 107 15.18 19.50 -0.89
C ILE B 107 15.22 18.03 -1.27
N ILE B 108 15.12 17.16 -0.27
CA ILE B 108 15.23 15.72 -0.46
C ILE B 108 13.83 15.12 -0.43
N MET B 109 13.45 14.44 -1.51
CA MET B 109 12.17 13.75 -1.59
C MET B 109 12.42 12.32 -2.05
N GLU B 110 11.40 11.48 -1.88
CA GLU B 110 11.49 10.12 -2.36
C GLU B 110 11.63 10.11 -3.87
N TYR B 111 12.38 9.13 -4.37
CA TYR B 111 12.58 9.00 -5.80
C TYR B 111 11.58 8.02 -6.38
N LEU B 112 10.94 8.41 -7.48
CA LEU B 112 9.95 7.57 -8.16
C LEU B 112 10.48 7.28 -9.57
N GLY B 113 10.96 6.05 -9.76
CA GLY B 113 11.67 5.67 -10.97
C GLY B 113 10.81 5.35 -12.17
N GLY B 114 9.49 5.28 -12.01
CA GLY B 114 8.64 5.07 -13.16
C GLY B 114 8.46 6.28 -14.06
N GLY B 115 8.92 7.44 -13.62
CA GLY B 115 8.69 8.67 -14.37
C GLY B 115 7.36 9.29 -14.03
N SER B 116 6.93 10.18 -14.91
CA SER B 116 5.65 10.86 -14.74
C SER B 116 4.61 10.26 -15.67
N ALA B 117 3.34 10.51 -15.34
CA ALA B 117 2.25 10.08 -16.20
C ALA B 117 2.38 10.67 -17.60
N LEU B 118 2.89 11.91 -17.69
CA LEU B 118 3.10 12.54 -18.99
C LEU B 118 4.14 11.78 -19.80
N ASP B 119 5.21 11.32 -19.15
CA ASP B 119 6.24 10.57 -19.85
C ASP B 119 5.67 9.31 -20.49
N LEU B 120 4.72 8.66 -19.82
CA LEU B 120 4.17 7.39 -20.29
C LEU B 120 3.16 7.57 -21.43
N LEU B 121 2.96 8.79 -21.91
CA LEU B 121 2.09 9.07 -23.04
C LEU B 121 2.84 9.23 -24.35
N GLU B 122 4.15 9.46 -24.30
CA GLU B 122 4.93 9.55 -25.53
C GLU B 122 4.91 8.27 -26.36
N PRO B 123 5.01 7.06 -25.80
CA PRO B 123 4.99 5.90 -26.70
C PRO B 123 3.71 5.77 -27.50
N GLY B 124 2.58 6.26 -27.00
CA GLY B 124 1.34 6.16 -27.73
C GLY B 124 0.13 6.33 -26.84
N PRO B 125 -1.04 5.92 -27.32
CA PRO B 125 -2.26 6.10 -26.55
C PRO B 125 -2.36 5.13 -25.38
N LEU B 126 -2.87 5.64 -24.25
CA LEU B 126 -3.27 4.77 -23.16
C LEU B 126 -4.58 4.07 -23.50
N ASP B 127 -4.76 2.87 -22.97
CA ASP B 127 -6.08 2.28 -23.00
C ASP B 127 -6.87 2.78 -21.80
N GLU B 128 -8.16 2.44 -21.77
CA GLU B 128 -9.00 2.92 -20.69
C GLU B 128 -8.69 2.23 -19.36
N THR B 129 -8.11 1.03 -19.40
CA THR B 129 -7.69 0.38 -18.16
C THR B 129 -6.57 1.16 -17.48
N GLN B 130 -5.59 1.63 -18.25
CA GLN B 130 -4.50 2.42 -17.68
C GLN B 130 -4.97 3.80 -17.26
N ILE B 131 -5.78 4.45 -18.10
CA ILE B 131 -6.40 5.72 -17.73
C ILE B 131 -7.13 5.58 -16.41
N ALA B 132 -8.03 4.59 -16.31
CA ALA B 132 -8.81 4.42 -15.09
C ALA B 132 -7.91 4.12 -13.89
N THR B 133 -6.89 3.29 -14.08
CA THR B 133 -5.98 2.96 -12.99
C THR B 133 -5.26 4.21 -12.49
N ILE B 134 -4.77 5.05 -13.41
CA ILE B 134 -4.03 6.23 -13.03
C ILE B 134 -4.97 7.28 -12.42
N LEU B 135 -6.14 7.48 -13.01
CA LEU B 135 -7.11 8.42 -12.44
C LEU B 135 -7.53 8.01 -11.05
N ARG B 136 -7.68 6.70 -10.81
CA ARG B 136 -8.10 6.23 -9.49
C ARG B 136 -7.05 6.57 -8.44
N GLU B 137 -5.78 6.34 -8.75
CA GLU B 137 -4.73 6.60 -7.78
C GLU B 137 -4.58 8.10 -7.50
N ILE B 138 -4.69 8.93 -8.54
CA ILE B 138 -4.72 10.37 -8.33
C ILE B 138 -5.88 10.74 -7.42
N LEU B 139 -7.07 10.20 -7.72
CA LEU B 139 -8.27 10.53 -6.95
C LEU B 139 -8.08 10.22 -5.47
N LYS B 140 -7.36 9.15 -5.15
CA LYS B 140 -7.09 8.82 -3.75
C LYS B 140 -6.18 9.87 -3.12
N GLY B 141 -5.20 10.37 -3.88
CA GLY B 141 -4.38 11.46 -3.38
C GLY B 141 -5.16 12.75 -3.19
N LEU B 142 -5.99 13.10 -4.18
CA LEU B 142 -6.86 14.27 -4.04
C LEU B 142 -7.84 14.07 -2.89
N ASP B 143 -8.30 12.84 -2.67
CA ASP B 143 -9.19 12.58 -1.54
C ASP B 143 -8.46 12.70 -0.23
N TYR B 144 -7.23 12.19 -0.15
CA TYR B 144 -6.42 12.42 1.05
C TYR B 144 -6.22 13.91 1.29
N LEU B 145 -5.89 14.66 0.23
CA LEU B 145 -5.61 16.08 0.39
C LEU B 145 -6.85 16.83 0.85
N HIS B 146 -7.97 16.66 0.14
CA HIS B 146 -9.18 17.42 0.45
C HIS B 146 -9.73 17.05 1.81
N SER B 147 -9.50 15.82 2.27
CA SER B 147 -9.87 15.47 3.65
C SER B 147 -9.01 16.23 4.65
N GLU B 148 -7.80 16.63 4.25
CA GLU B 148 -6.93 17.44 5.09
C GLU B 148 -7.13 18.94 4.89
N LYS B 149 -8.19 19.34 4.18
CA LYS B 149 -8.42 20.73 3.82
C LYS B 149 -7.25 21.33 3.04
N LYS B 150 -6.61 20.50 2.23
CA LYS B 150 -5.50 20.94 1.38
C LYS B 150 -5.90 20.88 -0.09
N ILE B 151 -5.16 21.62 -0.91
CA ILE B 151 -5.41 21.70 -2.34
C ILE B 151 -4.09 21.43 -3.05
N HIS B 152 -4.11 20.60 -4.09
CA HIS B 152 -2.89 20.37 -4.84
C HIS B 152 -2.52 21.57 -5.70
N ARG B 153 -3.51 22.20 -6.34
CA ARG B 153 -3.42 23.46 -7.08
C ARG B 153 -2.76 23.32 -8.44
N ASP B 154 -2.27 22.14 -8.83
CA ASP B 154 -1.61 21.99 -10.12
C ASP B 154 -1.70 20.55 -10.61
N ILE B 155 -2.92 19.99 -10.60
CA ILE B 155 -3.11 18.63 -11.10
C ILE B 155 -2.99 18.62 -12.61
N LYS B 156 -2.10 17.77 -13.12
CA LYS B 156 -1.83 17.59 -14.54
C LYS B 156 -0.97 16.34 -14.65
N ALA B 157 -0.92 15.76 -15.85
CA ALA B 157 -0.19 14.51 -16.03
C ALA B 157 1.28 14.66 -15.65
N ALA B 158 1.87 15.83 -15.96
CA ALA B 158 3.29 16.02 -15.72
C ALA B 158 3.66 16.02 -14.25
N ASN B 159 2.71 16.29 -13.35
CA ASN B 159 2.98 16.33 -11.93
C ASN B 159 2.49 15.07 -11.21
N VAL B 160 2.23 14.00 -11.97
CA VAL B 160 1.85 12.71 -11.41
C VAL B 160 3.02 11.77 -11.64
N LEU B 161 3.69 11.35 -10.58
CA LEU B 161 4.86 10.49 -10.67
C LEU B 161 4.50 9.05 -10.33
N LEU B 162 5.24 8.12 -10.93
CA LEU B 162 5.03 6.70 -10.71
C LEU B 162 6.32 6.05 -10.22
N SER B 163 6.17 5.10 -9.29
CA SER B 163 7.29 4.24 -8.96
C SER B 163 7.52 3.24 -10.09
N GLU B 164 8.64 2.52 -10.02
CA GLU B 164 8.94 1.52 -11.03
C GLU B 164 7.94 0.37 -11.01
N HIS B 165 7.16 0.23 -9.94
CA HIS B 165 6.20 -0.85 -9.79
C HIS B 165 4.75 -0.38 -9.94
N GLY B 166 4.53 0.84 -10.44
CA GLY B 166 3.19 1.29 -10.78
C GLY B 166 2.50 2.11 -9.72
N GLU B 167 3.11 2.33 -8.56
CA GLU B 167 2.52 3.22 -7.56
C GLU B 167 2.46 4.64 -8.11
N VAL B 168 1.33 5.30 -7.90
CA VAL B 168 1.08 6.63 -8.43
C VAL B 168 1.03 7.63 -7.28
N LYS B 169 1.82 8.70 -7.40
CA LYS B 169 1.91 9.70 -6.34
C LYS B 169 1.93 11.09 -6.96
N LEU B 170 1.34 12.04 -6.24
CA LEU B 170 1.26 13.42 -6.68
C LEU B 170 2.49 14.19 -6.24
N ALA B 171 2.96 15.09 -7.12
CA ALA B 171 4.13 15.90 -6.85
C ALA B 171 3.90 17.30 -7.40
N ASP B 172 4.90 18.16 -7.19
CA ASP B 172 4.91 19.53 -7.72
C ASP B 172 3.60 20.26 -7.42
N PHE B 173 3.32 20.38 -6.12
CA PHE B 173 2.15 21.12 -5.68
C PHE B 173 2.24 22.57 -6.12
N GLY B 174 1.09 23.17 -6.40
CA GLY B 174 1.05 24.61 -6.54
C GLY B 174 1.00 25.29 -5.20
N VAL B 175 1.30 26.59 -5.20
CA VAL B 175 1.19 27.43 -4.02
C VAL B 175 0.56 28.75 -4.42
N ALA B 176 -0.04 29.43 -3.43
CA ALA B 176 -0.73 30.68 -3.68
C ALA B 176 0.23 31.86 -3.56
N THR B 192 0.91 28.51 -17.04
CA THR B 192 0.19 27.83 -18.11
C THR B 192 -1.24 27.48 -17.66
N PRO B 193 -2.22 27.88 -18.46
CA PRO B 193 -3.61 27.87 -18.00
C PRO B 193 -4.43 26.63 -18.34
N PHE B 194 -3.87 25.65 -19.04
CA PHE B 194 -4.68 24.63 -19.69
C PHE B 194 -5.42 23.72 -18.71
N TRP B 195 -4.95 23.59 -17.47
CA TRP B 195 -5.61 22.73 -16.48
C TRP B 195 -6.38 23.51 -15.42
N MET B 196 -6.33 24.84 -15.43
CA MET B 196 -6.93 25.62 -14.36
C MET B 196 -8.44 25.69 -14.49
N ALA B 197 -9.12 25.54 -13.36
CA ALA B 197 -10.57 25.65 -13.34
C ALA B 197 -11.01 27.03 -13.81
N PRO B 198 -12.24 27.17 -14.29
CA PRO B 198 -12.73 28.50 -14.67
C PRO B 198 -12.71 29.49 -13.54
N GLU B 199 -13.03 29.06 -12.31
CA GLU B 199 -13.00 29.98 -11.18
C GLU B 199 -11.59 30.35 -10.79
N VAL B 200 -10.62 29.48 -11.07
CA VAL B 200 -9.22 29.81 -10.77
C VAL B 200 -8.73 30.93 -11.66
N ILE B 201 -9.02 30.85 -12.96
CA ILE B 201 -8.59 31.88 -13.91
C ILE B 201 -9.19 33.22 -13.55
N LYS B 202 -10.44 33.23 -13.08
CA LYS B 202 -11.13 34.46 -12.71
C LYS B 202 -10.67 35.02 -11.38
N GLN B 203 -9.55 34.52 -10.83
CA GLN B 203 -8.96 35.03 -9.58
C GLN B 203 -9.93 34.93 -8.41
N SER B 204 -10.88 34.00 -8.49
CA SER B 204 -11.85 33.83 -7.42
C SER B 204 -11.29 32.86 -6.37
N ALA B 205 -12.03 32.70 -5.28
CA ALA B 205 -11.67 31.70 -4.28
C ALA B 205 -11.64 30.32 -4.92
N TYR B 206 -10.52 29.62 -4.80
CA TYR B 206 -10.44 28.26 -5.28
C TYR B 206 -10.33 27.31 -4.10
N ASP B 207 -11.12 26.25 -4.14
CA ASP B 207 -11.20 25.21 -3.14
C ASP B 207 -10.79 23.88 -3.77
N SER B 208 -11.10 22.78 -3.08
CA SER B 208 -10.79 21.45 -3.61
C SER B 208 -11.45 21.22 -4.97
N LYS B 209 -12.55 21.91 -5.25
CA LYS B 209 -13.25 21.76 -6.52
C LYS B 209 -12.35 22.12 -7.70
N ALA B 210 -11.41 23.06 -7.51
CA ALA B 210 -10.48 23.39 -8.57
C ALA B 210 -9.60 22.21 -8.95
N ASP B 211 -9.26 21.37 -7.97
CA ASP B 211 -8.53 20.14 -8.29
C ASP B 211 -9.36 19.20 -9.13
N ILE B 212 -10.67 19.10 -8.85
CA ILE B 212 -11.54 18.18 -9.56
C ILE B 212 -11.59 18.54 -11.04
N TRP B 213 -11.77 19.82 -11.34
CA TRP B 213 -11.69 20.27 -12.73
C TRP B 213 -10.35 19.91 -13.36
N SER B 214 -9.25 20.18 -12.64
CA SER B 214 -7.93 19.85 -13.15
C SER B 214 -7.79 18.36 -13.39
N LEU B 215 -8.35 17.54 -12.49
CA LEU B 215 -8.41 16.09 -12.71
C LEU B 215 -9.08 15.77 -14.04
N GLY B 216 -10.20 16.43 -14.33
CA GLY B 216 -10.92 16.15 -15.57
C GLY B 216 -10.14 16.52 -16.81
N ILE B 217 -9.42 17.64 -16.76
CA ILE B 217 -8.51 17.97 -17.86
C ILE B 217 -7.41 16.93 -17.96
N THR B 218 -6.87 16.50 -16.81
CA THR B 218 -5.88 15.44 -16.79
C THR B 218 -6.44 14.15 -17.41
N ALA B 219 -7.70 13.82 -17.08
CA ALA B 219 -8.34 12.65 -17.68
C ALA B 219 -8.34 12.76 -19.20
N ILE B 220 -8.68 13.93 -19.74
CA ILE B 220 -8.59 14.15 -21.18
C ILE B 220 -7.15 14.06 -21.64
N GLU B 221 -6.21 14.57 -20.85
CA GLU B 221 -4.81 14.52 -21.23
C GLU B 221 -4.30 13.08 -21.29
N LEU B 222 -4.74 12.23 -20.36
CA LEU B 222 -4.32 10.83 -20.39
C LEU B 222 -4.89 10.10 -21.60
N ALA B 223 -6.07 10.48 -22.07
CA ALA B 223 -6.71 9.84 -23.21
C ALA B 223 -6.21 10.37 -24.55
N ARG B 224 -5.95 11.68 -24.64
CA ARG B 224 -5.57 12.33 -25.90
C ARG B 224 -4.11 12.74 -25.96
N GLY B 225 -3.36 12.62 -24.86
CA GLY B 225 -1.98 13.09 -24.83
C GLY B 225 -1.82 14.58 -24.64
N GLU B 226 -2.90 15.36 -24.76
CA GLU B 226 -2.84 16.80 -24.66
C GLU B 226 -4.11 17.34 -24.03
N PRO B 227 -4.02 18.40 -23.24
CA PRO B 227 -5.22 19.05 -22.71
C PRO B 227 -5.96 19.79 -23.81
N PRO B 228 -7.25 20.06 -23.63
CA PRO B 228 -7.98 20.85 -24.63
C PRO B 228 -7.37 22.23 -24.81
N HIS B 229 -7.59 22.78 -26.00
CA HIS B 229 -7.09 24.08 -26.44
C HIS B 229 -5.57 24.16 -26.51
N SER B 230 -4.88 23.01 -26.50
CA SER B 230 -3.42 22.99 -26.52
C SER B 230 -2.83 23.54 -27.81
N GLU B 231 -3.64 23.70 -28.86
CA GLU B 231 -3.16 24.32 -30.09
C GLU B 231 -3.15 25.84 -30.02
N LEU B 232 -3.74 26.43 -28.99
CA LEU B 232 -3.93 27.87 -28.89
C LEU B 232 -2.92 28.49 -27.92
N HIS B 233 -2.65 29.78 -28.14
CA HIS B 233 -1.74 30.48 -27.26
C HIS B 233 -2.32 30.56 -25.85
N PRO B 234 -1.49 30.42 -24.82
CA PRO B 234 -1.99 30.47 -23.43
C PRO B 234 -2.86 31.68 -23.11
N MET B 235 -2.61 32.83 -23.75
CA MET B 235 -3.40 34.02 -23.46
C MET B 235 -4.79 33.95 -24.08
N LYS B 236 -4.93 33.30 -25.23
CA LYS B 236 -6.26 33.06 -25.78
C LYS B 236 -7.03 32.07 -24.92
N VAL B 237 -6.35 31.03 -24.43
CA VAL B 237 -6.95 30.08 -23.51
C VAL B 237 -7.32 30.75 -22.19
N LEU B 238 -6.66 31.85 -21.84
CA LEU B 238 -6.96 32.55 -20.59
C LEU B 238 -8.41 33.03 -20.56
N PHE B 239 -8.94 33.52 -21.68
CA PHE B 239 -10.33 33.95 -21.72
C PHE B 239 -11.27 32.89 -22.25
N LEU B 240 -10.78 31.89 -22.98
CA LEU B 240 -11.64 30.85 -23.51
C LEU B 240 -12.26 30.01 -22.39
N ILE B 241 -11.45 29.61 -21.41
CA ILE B 241 -11.93 28.73 -20.36
C ILE B 241 -13.08 29.35 -19.56
N PRO B 242 -13.00 30.60 -19.10
CA PRO B 242 -14.19 31.20 -18.47
C PRO B 242 -15.34 31.36 -19.45
N LYS B 243 -15.05 31.77 -20.69
CA LYS B 243 -16.10 32.14 -21.63
C LYS B 243 -16.85 30.92 -22.14
N ASN B 244 -16.13 29.87 -22.52
CA ASN B 244 -16.70 28.79 -23.30
C ASN B 244 -17.42 27.76 -22.44
N ASN B 245 -18.21 26.92 -23.11
CA ASN B 245 -18.71 25.70 -22.51
C ASN B 245 -17.52 24.82 -22.10
N PRO B 246 -17.67 24.00 -21.07
CA PRO B 246 -16.55 23.20 -20.61
C PRO B 246 -16.15 22.18 -21.66
N PRO B 247 -14.88 21.77 -21.68
CA PRO B 247 -14.45 20.78 -22.67
C PRO B 247 -15.18 19.46 -22.48
N THR B 248 -15.25 18.69 -23.58
CA THR B 248 -15.75 17.32 -23.54
C THR B 248 -14.73 16.42 -24.20
N LEU B 249 -14.73 15.15 -23.78
CA LEU B 249 -13.86 14.14 -24.37
C LEU B 249 -14.48 13.65 -25.67
N GLU B 250 -13.98 14.16 -26.79
CA GLU B 250 -14.44 13.73 -28.10
C GLU B 250 -13.52 12.63 -28.62
N GLY B 251 -14.13 11.59 -29.15
CA GLY B 251 -13.43 10.42 -29.64
C GLY B 251 -14.23 9.17 -29.32
N ASN B 252 -13.61 8.02 -29.58
CA ASN B 252 -14.26 6.73 -29.37
C ASN B 252 -13.81 6.15 -28.03
N TYR B 253 -14.38 6.72 -26.97
CA TYR B 253 -14.19 6.22 -25.62
C TYR B 253 -15.54 5.83 -25.04
N SER B 254 -15.51 4.92 -24.07
CA SER B 254 -16.74 4.44 -23.47
C SER B 254 -17.50 5.60 -22.85
N LYS B 255 -18.83 5.48 -22.83
CA LYS B 255 -19.68 6.51 -22.22
C LYS B 255 -19.26 6.86 -20.80
N PRO B 256 -18.99 5.90 -19.91
CA PRO B 256 -18.57 6.28 -18.54
C PRO B 256 -17.36 7.19 -18.47
N LEU B 257 -16.36 6.99 -19.33
CA LEU B 257 -15.18 7.85 -19.30
C LEU B 257 -15.55 9.28 -19.69
N LYS B 258 -16.32 9.43 -20.77
CA LYS B 258 -16.79 10.75 -21.16
C LYS B 258 -17.69 11.36 -20.09
N GLU B 259 -18.48 10.53 -19.40
CA GLU B 259 -19.28 11.03 -18.29
C GLU B 259 -18.40 11.43 -17.11
N PHE B 260 -17.39 10.60 -16.80
CA PHE B 260 -16.40 10.98 -15.81
C PHE B 260 -15.80 12.35 -16.11
N VAL B 261 -15.38 12.55 -17.36
CA VAL B 261 -14.89 13.85 -17.80
C VAL B 261 -15.97 14.91 -17.62
N GLU B 262 -17.21 14.59 -18.00
CA GLU B 262 -18.30 15.54 -17.85
C GLU B 262 -18.51 15.91 -16.38
N ALA B 263 -18.52 14.92 -15.50
CA ALA B 263 -18.72 15.19 -14.07
C ALA B 263 -17.64 16.11 -13.53
N CYS B 264 -16.39 15.92 -13.97
CA CYS B 264 -15.30 16.75 -13.49
C CYS B 264 -15.38 18.17 -14.06
N LEU B 265 -15.66 18.29 -15.36
CA LEU B 265 -15.57 19.56 -16.05
C LEU B 265 -16.93 20.26 -16.09
N ASN B 266 -17.36 20.70 -14.92
CA ASN B 266 -18.56 21.52 -14.78
C ASN B 266 -18.13 22.96 -14.51
N LYS B 267 -18.68 23.90 -15.30
CA LYS B 267 -18.34 25.30 -15.12
C LYS B 267 -18.64 25.77 -13.69
N GLU B 268 -19.65 25.19 -13.05
CA GLU B 268 -20.01 25.56 -11.69
C GLU B 268 -19.23 24.68 -10.72
N PRO B 269 -18.31 25.25 -9.94
CA PRO B 269 -17.48 24.38 -9.07
C PRO B 269 -18.29 23.51 -8.11
N SER B 270 -19.28 24.10 -7.42
CA SER B 270 -20.00 23.35 -6.39
C SER B 270 -20.76 22.15 -6.94
N PHE B 271 -20.90 22.00 -8.25
CA PHE B 271 -21.56 20.83 -8.82
C PHE B 271 -20.57 19.75 -9.22
N ARG B 272 -19.30 19.93 -8.92
CA ARG B 272 -18.31 18.90 -9.22
C ARG B 272 -18.23 17.90 -8.08
N PRO B 273 -18.19 16.61 -8.39
CA PRO B 273 -18.16 15.59 -7.34
C PRO B 273 -16.85 15.66 -6.56
N THR B 274 -16.88 15.07 -5.36
CA THR B 274 -15.67 14.93 -4.58
C THR B 274 -14.81 13.81 -5.13
N ALA B 275 -13.57 13.73 -4.65
CA ALA B 275 -12.71 12.63 -5.03
C ALA B 275 -13.24 11.31 -4.47
N LYS B 276 -13.82 11.35 -3.28
CA LYS B 276 -14.39 10.14 -2.68
C LYS B 276 -15.50 9.56 -3.55
N GLU B 277 -16.36 10.43 -4.11
CA GLU B 277 -17.44 9.94 -4.96
C GLU B 277 -16.92 9.48 -6.31
N LEU B 278 -15.97 10.23 -6.90
CA LEU B 278 -15.41 9.84 -8.18
C LEU B 278 -14.73 8.47 -8.11
N LEU B 279 -14.25 8.08 -6.93
CA LEU B 279 -13.69 6.74 -6.76
C LEU B 279 -14.74 5.66 -6.96
N LYS B 280 -16.03 5.98 -6.79
CA LYS B 280 -17.11 5.05 -7.02
C LYS B 280 -17.80 5.24 -8.36
N HIS B 281 -17.18 6.01 -9.26
CA HIS B 281 -17.73 6.24 -10.59
C HIS B 281 -17.59 4.98 -11.43
N LYS B 282 -18.64 4.69 -12.21
CA LYS B 282 -18.68 3.45 -12.98
C LYS B 282 -17.42 3.24 -13.82
N PHE B 283 -16.91 4.31 -14.43
CA PHE B 283 -15.71 4.16 -15.26
C PHE B 283 -14.52 3.70 -14.44
N ILE B 284 -14.38 4.20 -13.21
CA ILE B 284 -13.29 3.75 -12.35
C ILE B 284 -13.50 2.30 -11.95
N LEU B 285 -14.71 1.96 -11.48
CA LEU B 285 -14.97 0.61 -10.99
C LEU B 285 -14.89 -0.44 -12.09
N ARG B 286 -15.13 -0.06 -13.35
CA ARG B 286 -15.21 -1.04 -14.42
C ARG B 286 -13.90 -1.23 -15.18
N ASN B 287 -12.98 -0.26 -15.10
CA ASN B 287 -11.74 -0.35 -15.86
C ASN B 287 -10.48 -0.32 -15.00
N ALA B 288 -10.52 0.25 -13.81
CA ALA B 288 -9.32 0.32 -12.97
C ALA B 288 -8.91 -1.08 -12.52
N LYS B 289 -7.62 -1.36 -12.63
CA LYS B 289 -7.04 -2.63 -12.19
C LYS B 289 -5.93 -2.34 -11.18
N LYS B 290 -5.19 -3.38 -10.83
CA LYS B 290 -4.08 -3.21 -9.89
C LYS B 290 -3.03 -2.28 -10.48
N THR B 291 -2.38 -1.51 -9.60
CA THR B 291 -1.33 -0.60 -10.05
C THR B 291 -0.13 -1.35 -10.59
N SER B 292 0.06 -2.61 -10.18
CA SER B 292 1.17 -3.41 -10.70
C SER B 292 1.12 -3.53 -12.22
N TYR B 293 -0.09 -3.52 -12.80
CA TYR B 293 -0.22 -3.69 -14.24
C TYR B 293 0.37 -2.53 -15.03
N LEU B 294 0.62 -1.39 -14.38
CA LEU B 294 1.26 -0.27 -15.04
C LEU B 294 2.76 -0.49 -15.26
N THR B 295 3.35 -1.49 -14.60
CA THR B 295 4.76 -1.79 -14.81
C THR B 295 5.06 -2.03 -16.29
N GLU B 296 4.17 -2.75 -16.98
CA GLU B 296 4.34 -2.96 -18.41
C GLU B 296 4.41 -1.63 -19.15
N LEU B 297 3.52 -0.70 -18.79
CA LEU B 297 3.54 0.62 -19.41
C LEU B 297 4.82 1.38 -19.05
N ILE B 298 5.25 1.29 -17.78
CA ILE B 298 6.48 1.94 -17.37
C ILE B 298 7.67 1.37 -18.12
N ASP B 299 7.79 0.04 -18.15
CA ASP B 299 8.90 -0.60 -18.86
C ASP B 299 8.93 -0.17 -20.32
N ALA B 300 7.75 0.00 -20.92
CA ALA B 300 7.69 0.42 -22.32
C ALA B 300 8.33 1.78 -22.53
N HIS B 301 8.24 2.66 -21.53
CA HIS B 301 8.83 3.99 -21.60
C HIS B 301 10.22 4.06 -20.98
N HIS B 302 10.87 2.91 -20.79
CA HIS B 302 12.19 2.87 -20.16
C HIS B 302 13.31 2.78 -21.18
C7 SQB C . -10.39 -18.39 13.87
C8 SQB C . -11.24 -19.18 14.63
C9 SQB C . -11.12 -20.56 14.64
C10 SQB C . -10.13 -21.18 13.89
C11 SQB C . -10.01 -22.67 13.85
C12 SQB C . -9.53 -23.43 14.92
O1 SQB C . -11.52 -17.08 11.58
C1 SQB C . -10.51 -12.01 14.06
C2 SQB C . -10.14 -13.67 15.57
C3 SQB C . -10.64 -14.14 13.30
C4 SQB C . -10.35 -14.64 14.58
C5 SQB C . -10.30 -16.06 14.75
C6 SQB C . -10.57 -16.92 13.74
O2 SQB C . -8.92 -14.25 10.15
O3 SQB C . -10.53 -14.73 8.61
N SQB C . -10.62 -10.70 13.82
C SQB C . -10.73 -10.14 12.49
O SQB C . -9.17 -22.75 16.04
C13 SQB C . -8.66 -23.52 17.13
C14 SQB C . -9.42 -24.80 14.76
C15 SQB C . -9.81 -25.37 13.56
C16 SQB C . -10.29 -24.55 12.54
C17 SQB C . -10.73 -25.12 11.24
C18 SQB C . -9.27 -20.39 13.14
C19 SQB C . -9.39 -19.01 13.14
C20 SQB C . -11.03 -16.39 12.46
C21 SQB C . -11.16 -14.51 10.92
C22 SQB C . -10.11 -14.97 9.93
C23 SQB C . -7.85 -14.73 9.32
C24 SQB C . -8.22 -14.68 7.85
C25 SQB C . -9.60 -15.27 7.66
N1 SQB C . -10.22 -12.36 15.33
N2 SQB C . -10.72 -12.84 13.03
N3 SQB C . -10.39 -23.23 12.68
N4 SQB C . -10.91 -15.03 12.27
N5 SQB C . -7.21 -15.35 7.02
CL SQB C . -12.48 -18.47 15.61
C7 SQB D . 10.69 17.22 -6.42
C8 SQB D . 11.60 17.62 -5.45
C9 SQB D . 11.38 18.77 -4.69
C10 SQB D . 10.24 19.54 -4.90
C11 SQB D . 10.03 20.81 -4.16
C12 SQB D . 9.59 20.85 -2.80
O1 SQB D . 11.50 17.45 -9.17
C1 SQB D . 11.11 11.72 -9.65
C2 SQB D . 10.91 12.33 -7.45
C3 SQB D . 11.11 13.95 -9.17
C4 SQB D . 10.97 13.68 -7.80
C5 SQB D . 10.88 14.78 -6.90
C6 SQB D . 10.95 16.07 -7.33
O2 SQB D . 8.98 15.43 -11.60
O3 SQB D . 10.27 16.83 -12.84
N SQB D . 11.19 10.75 -10.56
C SQB D . 11.63 10.96 -11.91
O SQB D . 9.38 19.66 -2.19
C13 SQB D . 8.94 19.69 -0.83
C14 SQB D . 9.39 22.09 -2.21
C15 SQB D . 9.63 23.23 -2.95
C16 SQB D . 10.07 23.12 -4.27
C17 SQB D . 10.33 24.33 -5.12
C18 SQB D . 9.33 19.13 -5.86
C19 SQB D . 9.54 17.98 -6.60
C20 SQB D . 11.23 16.34 -8.73
C21 SQB D . 11.30 15.55 -11.04
C22 SQB D . 10.09 16.29 -11.55
C23 SQB D . 7.76 16.14 -11.87
C24 SQB D . 7.86 16.95 -13.16
C25 SQB D . 9.19 17.68 -13.21
N1 SQB D . 10.98 11.33 -8.36
N2 SQB D . 11.17 12.98 -10.10
N3 SQB D . 10.26 21.93 -4.85
N4 SQB D . 11.20 15.26 -9.60
N5 SQB D . 6.73 17.86 -13.29
CL SQB D . 13.04 16.71 -5.15
#